data_1ZOE
#
_entry.id   1ZOE
#
_cell.length_a   143.454
_cell.length_b   60.781
_cell.length_c   45.938
_cell.angle_alpha   90.00
_cell.angle_beta   103.44
_cell.angle_gamma   90.00
#
_symmetry.space_group_name_H-M   'C 1 2 1'
#
loop_
_entity.id
_entity.type
_entity.pdbx_description
1 polymer 'Protein kinase CK2, alpha Subunit'
2 non-polymer 'CHLORIDE ION'
3 non-polymer 4,5,6,7-TETRABROMO-N,N-DIMETHYL-1H-BENZIMIDAZOL-2-AMINE
4 non-polymer 'DIMETHYL SULFOXIDE'
5 water water
#
_entity_poly.entity_id   1
_entity_poly.type   'polypeptide(L)'
_entity_poly.pdbx_seq_one_letter_code
;MSKARVYADVNVLRPKEYWDYEALTVQWGEQDDYEVVRKVGRGKYSEVFEGINVNNNEKCIIKILKPVKKKKIKREIKIL
QNLCGGPNIVKLLDIVRDQHSKTPSLIFEYVNNTDFKVLYPTLTDYDIRYYIYELLKALDYCHSQGIMHRDVKPHNVMID
HELRKLRLIDWGLAEFYHPGKEYNVRVASRYFKGPELLVDLQDYDYSLDMWSLGCMFAGMIFRKEPFFYGHDNHDQLVKI
AKVLGTDGLNVYLNKYRIELDPQLEALVGRHSRKPWLKFMNADNQHLVSPEAIDFLDKLLRYDHQERLTALEAMTHPYFQ
QVRAAENSRTRA
;
_entity_poly.pdbx_strand_id   A
#
loop_
_chem_comp.id
_chem_comp.type
_chem_comp.name
_chem_comp.formula
CL non-polymer 'CHLORIDE ION' 'Cl -1'
DMS non-polymer 'DIMETHYL SULFOXIDE' 'C2 H6 O S'
K25 non-polymer 4,5,6,7-TETRABROMO-N,N-DIMETHYL-1H-BENZIMIDAZOL-2-AMINE 'C9 H7 Br4 N3'
#
# COMPACT_ATOMS: atom_id res chain seq x y z
N SER A 2 -4.72 -11.44 -18.58
CA SER A 2 -3.74 -10.48 -18.09
C SER A 2 -2.71 -11.17 -17.21
N LYS A 3 -1.45 -10.83 -17.42
CA LYS A 3 -0.37 -11.24 -16.53
C LYS A 3 0.54 -10.05 -16.24
N ALA A 4 1.14 -10.06 -15.05
CA ALA A 4 2.13 -9.08 -14.67
C ALA A 4 3.17 -8.95 -15.79
N ARG A 5 3.79 -7.79 -15.89
CA ARG A 5 4.74 -7.51 -16.96
C ARG A 5 6.17 -7.73 -16.47
N VAL A 6 6.28 -7.92 -15.15
CA VAL A 6 7.53 -8.14 -14.44
C VAL A 6 7.28 -9.07 -13.24
N TYR A 7 8.34 -9.70 -12.76
CA TYR A 7 8.31 -10.60 -11.60
C TYR A 7 7.27 -11.69 -11.70
N ALA A 8 6.89 -12.08 -12.92
CA ALA A 8 5.73 -12.98 -13.04
C ALA A 8 6.01 -14.39 -12.57
N ASP A 9 7.24 -14.88 -12.72
CA ASP A 9 7.54 -16.28 -12.43
C ASP A 9 8.23 -16.52 -11.10
N VAL A 10 8.21 -15.53 -10.22
CA VAL A 10 8.94 -15.66 -8.97
C VAL A 10 8.49 -16.85 -8.14
N ASN A 11 7.17 -16.97 -7.95
CA ASN A 11 6.65 -18.09 -7.17
C ASN A 11 6.69 -19.41 -7.92
N VAL A 12 6.74 -19.40 -9.24
CA VAL A 12 6.87 -20.59 -10.07
C VAL A 12 8.24 -21.25 -9.87
N LEU A 13 9.24 -20.37 -9.90
CA LEU A 13 10.64 -20.76 -9.72
C LEU A 13 10.98 -21.10 -8.29
N ARG A 14 10.30 -20.52 -7.28
CA ARG A 14 10.70 -20.85 -5.91
C ARG A 14 10.14 -22.21 -5.50
N PRO A 15 10.81 -22.87 -4.56
CA PRO A 15 10.28 -24.06 -3.88
C PRO A 15 8.91 -23.77 -3.27
N LYS A 16 8.05 -24.78 -3.25
CA LYS A 16 6.66 -24.59 -2.86
C LYS A 16 6.54 -24.15 -1.42
N GLU A 17 7.54 -24.41 -0.58
CA GLU A 17 7.43 -23.97 0.80
C GLU A 17 7.50 -22.46 0.94
N TYR A 18 7.91 -21.73 -0.11
CA TYR A 18 8.03 -20.27 0.02
C TYR A 18 6.64 -19.63 0.03
N TRP A 19 5.75 -20.19 -0.77
CA TRP A 19 4.46 -19.58 -1.04
C TRP A 19 3.28 -20.40 -0.53
N ASP A 20 3.49 -21.70 -0.31
CA ASP A 20 2.37 -22.49 0.22
C ASP A 20 2.17 -22.23 1.71
N TYR A 21 1.65 -21.05 2.04
CA TYR A 21 1.59 -20.63 3.44
C TYR A 21 0.72 -21.56 4.29
N GLU A 22 -0.26 -22.18 3.66
CA GLU A 22 -1.16 -23.07 4.41
C GLU A 22 -0.38 -24.21 5.07
N ALA A 23 0.80 -24.54 4.53
CA ALA A 23 1.59 -25.59 5.12
C ALA A 23 2.42 -25.11 6.30
N LEU A 24 2.42 -23.82 6.64
CA LEU A 24 3.29 -23.34 7.71
C LEU A 24 2.91 -23.90 9.07
N THR A 25 3.91 -24.19 9.89
CA THR A 25 3.61 -24.53 11.28
C THR A 25 4.21 -23.44 12.14
N VAL A 26 3.38 -22.71 12.87
CA VAL A 26 3.92 -21.53 13.56
C VAL A 26 4.73 -21.97 14.78
N GLN A 27 5.85 -21.29 15.04
CA GLN A 27 6.68 -21.63 16.21
C GLN A 27 6.52 -20.54 17.27
N TRP A 28 5.51 -20.68 18.12
CA TRP A 28 5.14 -19.62 19.06
C TRP A 28 6.26 -19.31 20.04
N GLY A 29 6.45 -18.02 20.32
CA GLY A 29 7.45 -17.53 21.25
C GLY A 29 6.93 -17.37 22.66
N GLU A 30 7.58 -16.55 23.51
CA GLU A 30 7.07 -16.44 24.88
C GLU A 30 6.27 -15.16 25.14
N GLN A 31 4.98 -15.30 25.37
CA GLN A 31 4.08 -14.18 25.65
C GLN A 31 4.60 -13.21 26.70
N ASP A 32 5.28 -13.69 27.73
CA ASP A 32 5.77 -12.91 28.85
C ASP A 32 6.96 -12.03 28.50
N ASP A 33 7.59 -12.27 27.35
CA ASP A 33 8.75 -11.46 26.99
C ASP A 33 8.38 -10.01 26.73
N TYR A 34 7.12 -9.72 26.45
CA TYR A 34 6.73 -8.39 25.96
C TYR A 34 5.58 -7.75 26.74
N GLU A 35 5.83 -6.60 27.36
CA GLU A 35 4.85 -5.94 28.22
C GLU A 35 4.29 -4.65 27.60
N VAL A 36 2.97 -4.52 27.74
CA VAL A 36 2.27 -3.40 27.15
C VAL A 36 2.52 -2.14 27.96
N VAL A 37 2.93 -1.07 27.29
CA VAL A 37 3.13 0.20 27.98
C VAL A 37 2.02 1.21 27.69
N ARG A 38 1.54 1.32 26.45
CA ARG A 38 0.47 2.27 26.14
C ARG A 38 -0.14 2.03 24.77
N LYS A 39 -1.44 2.29 24.63
CA LYS A 39 -2.08 2.14 23.31
C LYS A 39 -1.60 3.23 22.36
N VAL A 40 -1.40 2.90 21.08
CA VAL A 40 -0.94 3.88 20.11
C VAL A 40 -1.71 3.88 18.80
N GLY A 41 -2.47 2.84 18.50
CA GLY A 41 -3.26 2.76 17.28
C GLY A 41 -4.32 1.69 17.34
N ARG A 42 -4.99 1.42 16.23
CA ARG A 42 -6.03 0.39 16.21
C ARG A 42 -6.63 0.25 14.82
N GLY A 43 -7.42 -0.80 14.65
CA GLY A 43 -8.14 -0.99 13.40
C GLY A 43 -9.16 -2.13 13.48
N LYS A 44 -9.88 -2.34 12.39
CA LYS A 44 -10.84 -3.41 12.19
C LYS A 44 -10.34 -4.76 12.70
N TYR A 45 -9.05 -5.06 12.47
CA TYR A 45 -8.59 -6.40 12.81
C TYR A 45 -7.62 -6.42 13.97
N SER A 46 -7.36 -5.27 14.59
CA SER A 46 -6.43 -5.29 15.71
C SER A 46 -6.41 -4.05 16.59
N GLU A 47 -5.58 -4.14 17.63
CA GLU A 47 -5.25 -3.08 18.56
C GLU A 47 -3.73 -3.10 18.80
N VAL A 48 -3.10 -1.94 18.75
CA VAL A 48 -1.68 -1.77 18.72
C VAL A 48 -1.15 -0.89 19.85
N PHE A 49 -0.10 -1.38 20.47
CA PHE A 49 0.51 -0.75 21.63
C PHE A 49 2.02 -0.66 21.54
N GLU A 50 2.50 0.42 22.18
CA GLU A 50 3.94 0.48 22.45
C GLU A 50 4.21 -0.55 23.55
N GLY A 51 5.33 -1.26 23.44
CA GLY A 51 5.64 -2.28 24.44
C GLY A 51 7.10 -2.19 24.85
N ILE A 52 7.50 -3.07 25.76
CA ILE A 52 8.90 -3.20 26.15
C ILE A 52 9.27 -4.68 26.16
N ASN A 53 10.37 -5.05 25.53
CA ASN A 53 11.02 -6.35 25.65
C ASN A 53 11.75 -6.43 26.99
N VAL A 54 11.20 -7.18 27.95
CA VAL A 54 11.73 -7.23 29.30
C VAL A 54 13.17 -7.73 29.33
N ASN A 55 13.58 -8.47 28.30
CA ASN A 55 14.94 -9.01 28.29
C ASN A 55 15.91 -7.85 28.12
N ASN A 56 15.71 -7.03 27.08
CA ASN A 56 16.72 -6.02 26.76
C ASN A 56 16.21 -4.62 27.06
N ASN A 57 15.01 -4.49 27.62
CA ASN A 57 14.46 -3.16 27.88
C ASN A 57 14.43 -2.28 26.64
N GLU A 58 14.33 -2.83 25.43
CA GLU A 58 14.18 -2.05 24.20
C GLU A 58 12.73 -1.74 23.88
N LYS A 59 12.41 -0.62 23.21
CA LYS A 59 11.01 -0.39 22.88
C LYS A 59 10.56 -1.34 21.76
N CYS A 60 9.29 -1.69 21.70
CA CYS A 60 8.75 -2.44 20.55
C CYS A 60 7.28 -2.09 20.31
N ILE A 61 6.67 -2.65 19.27
CA ILE A 61 5.27 -2.47 18.96
C ILE A 61 4.55 -3.82 19.02
N ILE A 62 3.41 -3.84 19.69
CA ILE A 62 2.66 -5.07 19.87
C ILE A 62 1.29 -4.95 19.21
N LYS A 63 1.03 -5.87 18.28
CA LYS A 63 -0.19 -5.89 17.50
C LYS A 63 -1.04 -7.05 17.96
N ILE A 64 -2.00 -6.76 18.83
CA ILE A 64 -2.86 -7.84 19.31
C ILE A 64 -4.01 -8.10 18.36
N LEU A 65 -4.10 -9.33 17.83
CA LEU A 65 -5.10 -9.62 16.81
C LEU A 65 -6.49 -9.91 17.32
N LYS A 66 -7.52 -9.36 16.70
CA LYS A 66 -8.87 -9.83 16.99
C LYS A 66 -9.09 -11.21 16.38
N PRO A 67 -10.06 -11.98 16.85
CA PRO A 67 -10.25 -13.37 16.39
C PRO A 67 -10.25 -13.49 14.87
N VAL A 68 -9.40 -14.40 14.40
CA VAL A 68 -9.01 -14.53 13.01
C VAL A 68 -8.80 -15.99 12.62
N LYS A 69 -9.14 -16.34 11.38
CA LYS A 69 -9.05 -17.70 10.86
C LYS A 69 -7.60 -18.15 10.63
N LYS A 70 -7.36 -19.43 10.88
CA LYS A 70 -6.05 -20.03 10.77
C LYS A 70 -5.40 -19.68 9.44
N LYS A 71 -6.25 -19.76 8.41
CA LYS A 71 -5.75 -19.48 7.05
C LYS A 71 -5.26 -18.05 6.96
N LYS A 72 -6.08 -17.12 7.45
CA LYS A 72 -5.76 -15.71 7.28
C LYS A 72 -4.46 -15.33 7.99
N ILE A 73 -4.31 -15.68 9.26
CA ILE A 73 -3.11 -15.28 10.02
C ILE A 73 -1.80 -15.90 9.54
N LYS A 74 -1.84 -17.14 9.08
CA LYS A 74 -0.68 -17.83 8.53
C LYS A 74 -0.18 -17.15 7.24
N ARG A 75 -1.12 -16.56 6.50
CA ARG A 75 -0.78 -15.80 5.29
C ARG A 75 0.01 -14.55 5.66
N GLU A 76 -0.48 -13.82 6.66
CA GLU A 76 0.21 -12.59 7.07
C GLU A 76 1.56 -12.94 7.67
N ILE A 77 1.59 -13.95 8.55
CA ILE A 77 2.89 -14.27 9.15
C ILE A 77 3.92 -14.68 8.10
N LYS A 78 3.54 -15.56 7.18
CA LYS A 78 4.49 -16.08 6.20
C LYS A 78 5.07 -14.97 5.32
N ILE A 79 4.18 -14.10 4.87
CA ILE A 79 4.60 -12.99 4.02
C ILE A 79 5.58 -12.09 4.76
N LEU A 80 5.31 -11.74 6.01
CA LEU A 80 6.16 -10.92 6.85
C LEU A 80 7.52 -11.59 7.05
N GLN A 81 7.53 -12.91 7.28
CA GLN A 81 8.82 -13.57 7.45
C GLN A 81 9.58 -13.57 6.13
N ASN A 82 8.90 -13.63 4.99
CA ASN A 82 9.59 -13.68 3.71
C ASN A 82 10.30 -12.36 3.38
N LEU A 83 9.68 -11.27 3.83
CA LEU A 83 10.10 -9.90 3.55
C LEU A 83 11.02 -9.35 4.63
N CYS A 84 11.07 -9.94 5.84
CA CYS A 84 11.86 -9.37 6.94
C CYS A 84 13.30 -9.11 6.51
N GLY A 85 13.77 -7.88 6.71
CA GLY A 85 15.11 -7.45 6.40
C GLY A 85 15.20 -6.69 5.09
N GLY A 86 14.12 -6.60 4.32
CA GLY A 86 14.13 -5.85 3.07
C GLY A 86 14.01 -4.34 3.28
N PRO A 87 14.32 -3.52 2.28
CA PRO A 87 14.33 -2.08 2.45
C PRO A 87 12.95 -1.52 2.82
N ASN A 88 12.94 -0.87 3.96
CA ASN A 88 11.85 -0.12 4.56
C ASN A 88 10.61 -0.97 4.81
N ILE A 89 10.78 -2.27 4.93
CA ILE A 89 9.74 -3.20 5.38
C ILE A 89 9.74 -3.28 6.91
N VAL A 90 8.60 -3.05 7.55
CA VAL A 90 8.53 -3.21 9.01
C VAL A 90 9.05 -4.59 9.40
N LYS A 91 9.86 -4.68 10.44
CA LYS A 91 10.44 -5.96 10.85
C LYS A 91 9.62 -6.73 11.87
N LEU A 92 9.15 -7.91 11.51
CA LEU A 92 8.47 -8.77 12.47
C LEU A 92 9.46 -9.47 13.37
N LEU A 93 9.47 -9.16 14.66
CA LEU A 93 10.46 -9.73 15.57
C LEU A 93 10.05 -11.04 16.24
N ASP A 94 8.79 -11.22 16.58
CA ASP A 94 8.29 -12.39 17.30
C ASP A 94 6.77 -12.54 17.17
N ILE A 95 6.31 -13.76 17.38
CA ILE A 95 4.90 -14.16 17.35
C ILE A 95 4.57 -14.92 18.65
N VAL A 96 3.55 -14.48 19.37
CA VAL A 96 3.26 -15.06 20.69
C VAL A 96 1.75 -15.13 20.88
N ARG A 97 1.27 -15.80 21.93
CA ARG A 97 -0.17 -15.83 22.13
C ARG A 97 -0.53 -16.20 23.57
N ASP A 98 -1.68 -15.72 24.01
CA ASP A 98 -2.26 -15.92 25.34
C ASP A 98 -2.53 -17.40 25.56
N GLN A 99 -2.09 -17.99 26.68
CA GLN A 99 -2.35 -19.42 26.80
C GLN A 99 -3.83 -19.70 27.02
N HIS A 100 -4.44 -18.96 27.93
CA HIS A 100 -5.84 -19.23 28.24
C HIS A 100 -6.73 -19.02 27.02
N SER A 101 -6.54 -17.93 26.28
CA SER A 101 -7.46 -17.62 25.19
C SER A 101 -6.85 -17.94 23.83
N LYS A 102 -5.52 -17.98 23.79
CA LYS A 102 -4.85 -18.24 22.51
C LYS A 102 -5.07 -17.09 21.55
N THR A 103 -5.12 -15.87 22.09
CA THR A 103 -5.15 -14.68 21.25
C THR A 103 -3.74 -14.35 20.75
N PRO A 104 -3.56 -14.30 19.45
CA PRO A 104 -2.24 -14.06 18.85
C PRO A 104 -1.81 -12.59 18.89
N SER A 105 -0.50 -12.40 19.05
CA SER A 105 0.08 -11.07 19.00
C SER A 105 1.31 -11.09 18.09
N LEU A 106 1.45 -10.12 17.20
CA LEU A 106 2.67 -9.96 16.41
C LEU A 106 3.52 -8.86 17.03
N ILE A 107 4.83 -9.10 17.17
CA ILE A 107 5.74 -8.13 17.78
C ILE A 107 6.67 -7.52 16.74
N PHE A 108 6.71 -6.18 16.66
CA PHE A 108 7.41 -5.44 15.63
C PHE A 108 8.41 -4.42 16.19
N GLU A 109 9.37 -3.97 15.38
CA GLU A 109 10.24 -2.87 15.75
C GLU A 109 9.40 -1.64 16.07
N TYR A 110 9.95 -0.68 16.80
CA TYR A 110 9.28 0.56 17.20
C TYR A 110 9.67 1.66 16.23
N VAL A 111 8.73 2.55 15.97
CA VAL A 111 8.85 3.70 15.12
C VAL A 111 8.17 4.91 15.77
N ASN A 112 8.88 6.02 15.96
CA ASN A 112 8.22 7.19 16.53
C ASN A 112 7.45 7.99 15.48
N ASN A 113 6.34 7.44 15.00
CA ASN A 113 5.56 8.01 13.91
C ASN A 113 4.78 9.27 14.28
N THR A 114 4.56 10.13 13.30
CA THR A 114 3.72 11.31 13.48
C THR A 114 2.58 11.25 12.48
N ASP A 115 1.34 11.18 12.94
CA ASP A 115 0.19 11.01 12.05
C ASP A 115 0.24 11.98 10.86
N PHE A 116 -0.03 11.44 9.69
CA PHE A 116 0.14 12.21 8.44
C PHE A 116 -0.69 13.47 8.44
N LYS A 117 -1.79 13.55 9.22
CA LYS A 117 -2.55 14.80 9.17
C LYS A 117 -1.78 15.94 9.86
N VAL A 118 -0.90 15.61 10.80
CA VAL A 118 -0.10 16.67 11.44
C VAL A 118 1.24 16.88 10.75
N LEU A 119 1.86 15.81 10.28
CA LEU A 119 3.20 15.90 9.68
C LEU A 119 3.22 16.38 8.23
N TYR A 120 2.33 15.91 7.35
CA TYR A 120 2.41 16.28 5.94
C TYR A 120 2.34 17.78 5.68
N PRO A 121 1.49 18.58 6.32
CA PRO A 121 1.55 20.05 6.17
C PRO A 121 2.92 20.66 6.41
N THR A 122 3.81 20.00 7.14
CA THR A 122 5.11 20.64 7.43
C THR A 122 6.16 20.21 6.43
N LEU A 123 5.88 19.25 5.55
CA LEU A 123 6.91 18.76 4.66
C LEU A 123 7.22 19.73 3.53
N THR A 124 8.51 19.96 3.27
CA THR A 124 8.96 20.73 2.12
C THR A 124 8.86 19.94 0.82
N ASP A 125 8.95 20.65 -0.29
CA ASP A 125 9.09 20.03 -1.61
C ASP A 125 10.13 18.92 -1.56
N TYR A 126 11.33 19.19 -1.05
CA TYR A 126 12.32 18.11 -1.06
C TYR A 126 11.90 16.95 -0.17
N ASP A 127 11.31 17.22 0.98
CA ASP A 127 10.89 16.19 1.92
C ASP A 127 9.98 15.17 1.25
N ILE A 128 9.10 15.71 0.38
CA ILE A 128 8.12 14.81 -0.25
C ILE A 128 8.82 13.87 -1.21
N ARG A 129 9.72 14.41 -2.04
CA ARG A 129 10.49 13.55 -2.93
C ARG A 129 11.20 12.48 -2.11
N TYR A 130 11.84 12.92 -1.03
CA TYR A 130 12.59 11.99 -0.21
C TYR A 130 11.73 10.86 0.33
N TYR A 131 10.62 11.17 1.00
CA TYR A 131 9.88 10.07 1.65
C TYR A 131 9.24 9.17 0.60
N ILE A 132 8.83 9.73 -0.54
CA ILE A 132 8.19 8.85 -1.54
C ILE A 132 9.20 7.90 -2.18
N TYR A 133 10.44 8.37 -2.36
CA TYR A 133 11.50 7.47 -2.83
C TYR A 133 11.69 6.34 -1.83
N GLU A 134 11.70 6.68 -0.53
CA GLU A 134 11.84 5.59 0.46
C GLU A 134 10.67 4.62 0.33
N LEU A 135 9.44 5.08 0.09
CA LEU A 135 8.34 4.12 -0.03
C LEU A 135 8.52 3.20 -1.24
N LEU A 136 9.02 3.74 -2.36
CA LEU A 136 9.19 2.95 -3.58
C LEU A 136 10.16 1.78 -3.39
N LYS A 137 11.18 1.95 -2.56
CA LYS A 137 12.15 0.88 -2.35
C LYS A 137 11.48 -0.36 -1.80
N ALA A 138 10.54 -0.09 -0.90
CA ALA A 138 9.77 -1.12 -0.23
C ALA A 138 8.94 -1.89 -1.24
N LEU A 139 8.36 -1.08 -2.14
CA LEU A 139 7.38 -1.71 -3.04
C LEU A 139 8.08 -2.52 -4.11
N ASP A 140 9.19 -1.97 -4.63
CA ASP A 140 9.95 -2.77 -5.59
C ASP A 140 10.44 -4.03 -4.91
N TYR A 141 10.87 -3.91 -3.64
CA TYR A 141 11.31 -5.12 -2.96
C TYR A 141 10.19 -6.14 -2.88
N CYS A 142 8.99 -5.77 -2.40
CA CYS A 142 8.07 -6.90 -2.17
C CYS A 142 7.60 -7.47 -3.50
N HIS A 143 7.39 -6.63 -4.52
CA HIS A 143 7.05 -7.17 -5.84
C HIS A 143 8.09 -8.18 -6.33
N SER A 144 9.38 -7.81 -6.23
CA SER A 144 10.43 -8.71 -6.65
C SER A 144 10.48 -10.01 -5.83
N GLN A 145 9.86 -10.02 -4.65
CA GLN A 145 9.75 -11.23 -3.86
C GLN A 145 8.41 -11.94 -4.09
N GLY A 146 7.63 -11.58 -5.10
CA GLY A 146 6.42 -12.29 -5.46
C GLY A 146 5.18 -11.92 -4.68
N ILE A 147 5.13 -10.75 -4.06
CA ILE A 147 4.06 -10.36 -3.16
C ILE A 147 3.44 -9.02 -3.52
N MET A 148 2.11 -8.90 -3.49
CA MET A 148 1.41 -7.63 -3.66
C MET A 148 0.99 -7.07 -2.31
N HIS A 149 1.18 -5.78 -2.03
CA HIS A 149 0.76 -5.34 -0.69
C HIS A 149 -0.76 -5.27 -0.57
N ARG A 150 -1.41 -4.60 -1.51
CA ARG A 150 -2.84 -4.40 -1.66
C ARG A 150 -3.48 -3.52 -0.60
N ASP A 151 -2.75 -2.74 0.18
CA ASP A 151 -3.41 -1.72 1.01
C ASP A 151 -2.50 -0.52 1.25
N VAL A 152 -1.87 0.02 0.19
CA VAL A 152 -1.01 1.18 0.34
C VAL A 152 -1.82 2.44 0.65
N LYS A 153 -1.38 3.25 1.59
CA LYS A 153 -2.05 4.47 2.00
C LYS A 153 -1.26 5.10 3.16
N PRO A 154 -1.40 6.40 3.40
CA PRO A 154 -0.60 7.08 4.42
C PRO A 154 -0.69 6.48 5.82
N HIS A 155 -1.87 6.06 6.26
CA HIS A 155 -2.07 5.35 7.51
C HIS A 155 -1.25 4.07 7.58
N ASN A 156 -0.76 3.55 6.46
CA ASN A 156 0.01 2.30 6.55
C ASN A 156 1.49 2.55 6.27
N VAL A 157 1.93 3.80 6.29
CA VAL A 157 3.30 4.26 6.14
C VAL A 157 3.75 4.98 7.42
N MET A 158 4.62 4.36 8.22
CA MET A 158 5.02 4.98 9.50
C MET A 158 6.26 5.84 9.23
N ILE A 159 6.34 7.04 9.81
CA ILE A 159 7.46 7.95 9.64
C ILE A 159 7.94 8.62 10.93
N ASP A 160 9.23 8.48 11.24
CA ASP A 160 9.91 9.29 12.25
C ASP A 160 10.55 10.52 11.60
N HIS A 161 9.93 11.68 11.68
CA HIS A 161 10.42 12.83 10.93
C HIS A 161 11.78 13.30 11.42
N GLU A 162 12.05 13.24 12.73
CA GLU A 162 13.36 13.74 13.14
C GLU A 162 14.48 12.83 12.66
N LEU A 163 14.25 11.53 12.63
CA LEU A 163 15.23 10.60 12.08
C LEU A 163 15.05 10.40 10.58
N ARG A 164 13.92 10.87 10.05
CA ARG A 164 13.60 10.70 8.63
C ARG A 164 13.65 9.23 8.24
N LYS A 165 13.00 8.36 9.03
CA LYS A 165 13.02 6.94 8.62
C LYS A 165 11.59 6.48 8.36
N LEU A 166 11.40 5.59 7.40
CA LEU A 166 10.07 5.23 6.90
C LEU A 166 9.91 3.72 6.95
N ARG A 167 8.76 3.21 7.36
CA ARG A 167 8.42 1.80 7.31
C ARG A 167 7.02 1.54 6.73
N LEU A 168 6.90 0.54 5.86
CA LEU A 168 5.63 0.07 5.30
C LEU A 168 5.05 -0.99 6.22
N ILE A 169 3.87 -0.74 6.77
CA ILE A 169 3.26 -1.61 7.77
C ILE A 169 1.94 -2.19 7.26
N ASP A 170 1.27 -2.95 8.10
CA ASP A 170 0.00 -3.65 7.94
C ASP A 170 -0.09 -4.55 6.71
N TRP A 171 0.47 -5.76 6.82
CA TRP A 171 0.50 -6.73 5.73
C TRP A 171 -0.68 -7.69 5.71
N GLY A 172 -1.79 -7.27 6.31
CA GLY A 172 -3.01 -8.01 6.50
C GLY A 172 -3.74 -8.40 5.24
N LEU A 173 -3.61 -7.58 4.19
CA LEU A 173 -4.26 -7.89 2.92
C LEU A 173 -3.29 -8.40 1.87
N ALA A 174 -2.02 -8.54 2.20
CA ALA A 174 -1.01 -8.93 1.22
C ALA A 174 -1.25 -10.34 0.69
N GLU A 175 -0.77 -10.65 -0.51
CA GLU A 175 -0.99 -11.98 -1.13
C GLU A 175 0.08 -12.30 -2.15
N PHE A 176 0.34 -13.59 -2.42
CA PHE A 176 1.39 -14.00 -3.36
C PHE A 176 0.90 -13.96 -4.81
N TYR A 177 1.72 -13.49 -5.74
CA TYR A 177 1.28 -13.43 -7.13
C TYR A 177 1.54 -14.74 -7.88
N HIS A 178 0.49 -15.27 -8.50
CA HIS A 178 0.53 -16.45 -9.35
C HIS A 178 -0.11 -16.16 -10.71
N PRO A 179 0.65 -16.35 -11.79
CA PRO A 179 0.14 -16.12 -13.14
C PRO A 179 -1.23 -16.75 -13.40
N GLY A 180 -2.16 -15.89 -13.77
CA GLY A 180 -3.51 -16.16 -14.19
C GLY A 180 -4.47 -16.37 -13.04
N LYS A 181 -3.95 -16.40 -11.81
CA LYS A 181 -4.94 -16.61 -10.74
C LYS A 181 -5.93 -15.46 -10.66
N GLU A 182 -7.19 -15.79 -10.37
CA GLU A 182 -8.23 -14.80 -10.18
C GLU A 182 -8.33 -14.51 -8.68
N TYR A 183 -8.15 -13.25 -8.30
CA TYR A 183 -8.15 -12.76 -6.93
C TYR A 183 -9.48 -12.15 -6.52
N ASN A 184 -9.66 -11.97 -5.22
CA ASN A 184 -10.84 -11.29 -4.66
C ASN A 184 -10.61 -9.79 -4.80
N VAL A 185 -11.63 -9.05 -5.25
CA VAL A 185 -11.40 -7.64 -5.55
C VAL A 185 -11.71 -6.79 -4.34
N ARG A 186 -12.15 -7.43 -3.26
CA ARG A 186 -12.47 -6.65 -2.07
C ARG A 186 -11.20 -6.34 -1.28
N VAL A 187 -10.21 -5.70 -1.89
CA VAL A 187 -8.98 -5.38 -1.15
C VAL A 187 -8.68 -3.89 -1.16
N ALA A 188 -7.61 -3.46 -0.50
CA ALA A 188 -7.28 -2.04 -0.40
C ALA A 188 -8.28 -1.25 0.43
N SER A 189 -7.98 0.05 0.60
CA SER A 189 -8.92 0.96 1.26
C SER A 189 -9.66 1.80 0.20
N ARG A 190 -10.90 2.20 0.47
CA ARG A 190 -11.70 2.78 -0.61
C ARG A 190 -11.09 3.96 -1.36
N TYR A 191 -10.51 4.97 -0.72
CA TYR A 191 -10.03 6.13 -1.48
C TYR A 191 -8.84 5.77 -2.38
N PHE A 192 -8.24 4.63 -2.12
CA PHE A 192 -7.04 4.16 -2.80
C PHE A 192 -7.28 2.94 -3.69
N LYS A 193 -8.53 2.53 -3.95
CA LYS A 193 -8.76 1.33 -4.76
C LYS A 193 -8.57 1.63 -6.25
N GLY A 194 -7.87 0.78 -6.98
CA GLY A 194 -7.70 0.94 -8.42
C GLY A 194 -8.97 0.61 -9.20
N PRO A 195 -9.03 1.06 -10.45
CA PRO A 195 -10.17 0.80 -11.33
C PRO A 195 -10.42 -0.69 -11.55
N GLU A 196 -9.35 -1.47 -11.60
CA GLU A 196 -9.50 -2.92 -11.70
C GLU A 196 -10.42 -3.46 -10.60
N LEU A 197 -10.20 -3.00 -9.37
CA LEU A 197 -11.03 -3.50 -8.27
C LEU A 197 -12.48 -3.07 -8.42
N LEU A 198 -12.67 -1.84 -8.89
CA LEU A 198 -13.98 -1.23 -9.02
C LEU A 198 -14.79 -1.72 -10.23
N VAL A 199 -14.21 -2.38 -11.23
CA VAL A 199 -14.97 -2.94 -12.35
C VAL A 199 -14.95 -4.46 -12.35
N ASP A 200 -14.40 -5.04 -11.28
CA ASP A 200 -14.36 -6.49 -11.10
C ASP A 200 -13.49 -7.21 -12.10
N LEU A 201 -12.27 -6.73 -12.30
CA LEU A 201 -11.25 -7.47 -13.06
C LEU A 201 -10.38 -8.18 -12.02
N GLN A 202 -10.45 -9.50 -11.93
CA GLN A 202 -9.90 -10.27 -10.82
C GLN A 202 -8.50 -10.80 -11.12
N ASP A 203 -8.07 -10.77 -12.38
CA ASP A 203 -6.67 -11.21 -12.57
C ASP A 203 -5.74 -10.00 -12.64
N TYR A 204 -5.67 -9.29 -11.52
CA TYR A 204 -4.82 -8.10 -11.38
C TYR A 204 -3.45 -8.48 -10.85
N ASP A 205 -2.54 -7.52 -10.61
CA ASP A 205 -1.20 -7.96 -10.21
C ASP A 205 -0.49 -6.86 -9.42
N TYR A 206 0.85 -6.88 -9.34
CA TYR A 206 1.58 -5.90 -8.54
C TYR A 206 1.22 -4.44 -8.84
N SER A 207 0.89 -4.15 -10.09
CA SER A 207 0.55 -2.84 -10.58
C SER A 207 -0.62 -2.20 -9.83
N LEU A 208 -1.44 -2.97 -9.13
CA LEU A 208 -2.49 -2.38 -8.31
C LEU A 208 -1.89 -1.38 -7.30
N ASP A 209 -0.79 -1.74 -6.67
CA ASP A 209 -0.17 -0.93 -5.63
C ASP A 209 0.32 0.42 -6.16
N MET A 210 0.65 0.45 -7.45
CA MET A 210 1.15 1.69 -8.08
C MET A 210 0.01 2.70 -8.21
N TRP A 211 -1.23 2.26 -8.41
CA TRP A 211 -2.38 3.18 -8.39
C TRP A 211 -2.54 3.81 -7.01
N SER A 212 -2.57 2.91 -6.02
CA SER A 212 -2.73 3.37 -4.64
C SER A 212 -1.67 4.42 -4.31
N LEU A 213 -0.41 4.15 -4.67
CA LEU A 213 0.64 5.14 -4.42
C LEU A 213 0.38 6.48 -5.10
N GLY A 214 -0.18 6.46 -6.30
CA GLY A 214 -0.46 7.70 -7.05
C GLY A 214 -1.52 8.49 -6.31
N CYS A 215 -2.47 7.75 -5.73
CA CYS A 215 -3.53 8.43 -4.98
C CYS A 215 -2.93 9.22 -3.79
N MET A 216 -2.16 8.56 -2.95
CA MET A 216 -1.39 9.14 -1.87
C MET A 216 -0.52 10.31 -2.30
N PHE A 217 0.25 10.14 -3.36
CA PHE A 217 1.15 11.18 -3.86
C PHE A 217 0.43 12.45 -4.29
N ALA A 218 -0.70 12.26 -4.97
CA ALA A 218 -1.58 13.34 -5.38
C ALA A 218 -2.11 14.14 -4.19
N GLY A 219 -2.50 13.44 -3.12
CA GLY A 219 -3.00 14.11 -1.92
C GLY A 219 -1.94 15.05 -1.35
N MET A 220 -0.70 14.57 -1.31
CA MET A 220 0.44 15.31 -0.78
C MET A 220 0.82 16.51 -1.61
N ILE A 221 1.05 16.40 -2.93
CA ILE A 221 1.46 17.64 -3.60
C ILE A 221 0.32 18.66 -3.72
N PHE A 222 -0.93 18.25 -3.92
CA PHE A 222 -2.00 19.24 -4.00
C PHE A 222 -2.61 19.58 -2.65
N ARG A 223 -2.26 18.89 -1.57
CA ARG A 223 -2.78 19.20 -0.24
C ARG A 223 -4.31 19.11 -0.28
N LYS A 224 -4.74 18.00 -0.89
CA LYS A 224 -6.17 17.69 -0.99
C LYS A 224 -6.36 16.22 -0.61
N GLU A 225 -6.72 15.94 0.63
CA GLU A 225 -6.72 14.58 1.14
C GLU A 225 -8.09 14.13 1.65
N PRO A 226 -8.58 12.97 1.23
CA PRO A 226 -7.96 12.16 0.18
C PRO A 226 -8.21 12.80 -1.19
N PHE A 227 -7.43 12.46 -2.21
CA PHE A 227 -7.57 13.07 -3.52
C PHE A 227 -8.87 12.72 -4.25
N PHE A 228 -9.19 11.43 -4.31
CA PHE A 228 -10.44 10.90 -4.87
C PHE A 228 -11.36 10.58 -3.69
N TYR A 229 -12.37 11.40 -3.44
CA TYR A 229 -13.12 11.25 -2.19
C TYR A 229 -14.49 10.65 -2.42
N GLY A 230 -14.57 9.32 -2.54
CA GLY A 230 -15.86 8.71 -2.84
C GLY A 230 -16.56 8.25 -1.58
N HIS A 231 -17.88 8.04 -1.62
CA HIS A 231 -18.58 7.60 -0.42
C HIS A 231 -18.78 6.09 -0.44
N ASP A 232 -18.87 5.53 -1.65
CA ASP A 232 -18.97 4.08 -1.76
C ASP A 232 -18.27 3.67 -3.06
N ASN A 233 -18.25 2.37 -3.35
CA ASN A 233 -17.42 1.85 -4.44
C ASN A 233 -17.85 2.39 -5.80
N HIS A 234 -19.16 2.48 -6.02
CA HIS A 234 -19.65 3.11 -7.24
C HIS A 234 -19.27 4.59 -7.32
N ASP A 235 -19.46 5.36 -6.25
CA ASP A 235 -19.11 6.80 -6.25
C ASP A 235 -17.59 6.95 -6.41
N GLN A 236 -16.83 6.07 -5.77
CA GLN A 236 -15.38 6.04 -5.98
C GLN A 236 -15.01 6.01 -7.45
N LEU A 237 -15.73 5.21 -8.25
CA LEU A 237 -15.36 5.08 -9.66
C LEU A 237 -15.75 6.35 -10.39
N VAL A 238 -16.83 6.99 -9.94
CA VAL A 238 -17.29 8.22 -10.56
C VAL A 238 -16.32 9.37 -10.32
N LYS A 239 -15.87 9.54 -9.09
CA LYS A 239 -14.92 10.63 -8.83
C LYS A 239 -13.66 10.49 -9.71
N ILE A 240 -13.24 9.25 -9.98
CA ILE A 240 -12.05 9.03 -10.81
C ILE A 240 -12.29 9.46 -12.26
N ALA A 241 -13.48 9.09 -12.70
CA ALA A 241 -13.98 9.36 -14.04
C ALA A 241 -14.09 10.86 -14.30
N LYS A 242 -14.48 11.65 -13.29
CA LYS A 242 -14.51 13.11 -13.32
C LYS A 242 -13.14 13.76 -13.42
N VAL A 243 -12.06 13.02 -13.22
CA VAL A 243 -10.74 13.63 -13.42
C VAL A 243 -10.08 13.07 -14.67
N LEU A 244 -9.96 11.74 -14.71
CA LEU A 244 -9.29 11.10 -15.84
C LEU A 244 -10.07 11.19 -17.14
N GLY A 245 -11.38 11.25 -17.13
CA GLY A 245 -12.23 11.26 -18.32
C GLY A 245 -12.75 9.88 -18.67
N THR A 246 -13.93 9.77 -19.28
CA THR A 246 -14.56 8.49 -19.56
C THR A 246 -14.03 7.84 -20.84
N ASP A 247 -13.43 8.61 -21.74
CA ASP A 247 -13.01 7.97 -22.99
C ASP A 247 -11.98 6.88 -22.72
N GLY A 248 -10.94 7.22 -21.96
CA GLY A 248 -9.96 6.22 -21.60
C GLY A 248 -10.55 5.12 -20.74
N LEU A 249 -11.61 5.41 -19.98
CA LEU A 249 -12.25 4.34 -19.21
C LEU A 249 -12.84 3.35 -20.20
N ASN A 250 -13.51 3.88 -21.23
CA ASN A 250 -14.10 3.04 -22.27
C ASN A 250 -13.09 2.22 -23.04
N VAL A 251 -11.93 2.79 -23.40
CA VAL A 251 -10.99 1.96 -24.17
C VAL A 251 -10.49 0.85 -23.26
N TYR A 252 -10.46 1.16 -21.97
CA TYR A 252 -10.02 0.17 -20.97
C TYR A 252 -10.94 -1.04 -20.90
N LEU A 253 -12.24 -0.83 -20.77
CA LEU A 253 -13.22 -1.90 -20.64
C LEU A 253 -13.34 -2.79 -21.88
N ASN A 254 -13.07 -2.21 -23.05
CA ASN A 254 -13.10 -2.93 -24.32
C ASN A 254 -11.93 -3.89 -24.45
N LYS A 255 -10.72 -3.44 -24.11
CA LYS A 255 -9.55 -4.29 -24.21
C LYS A 255 -9.58 -5.46 -23.24
N TYR A 256 -10.19 -5.27 -22.07
CA TYR A 256 -10.30 -6.39 -21.11
C TYR A 256 -11.65 -7.08 -21.23
N ARG A 257 -12.52 -6.60 -22.13
CA ARG A 257 -13.78 -7.28 -22.38
C ARG A 257 -14.61 -7.44 -21.11
N ILE A 258 -14.90 -6.30 -20.50
CA ILE A 258 -15.56 -6.19 -19.22
C ILE A 258 -16.84 -5.39 -19.39
N GLU A 259 -17.91 -5.72 -18.70
CA GLU A 259 -19.08 -4.83 -18.82
C GLU A 259 -19.45 -4.30 -17.43
N LEU A 260 -19.75 -3.03 -17.41
CA LEU A 260 -20.19 -2.25 -16.26
C LEU A 260 -21.60 -2.63 -15.84
N ASP A 261 -21.85 -2.74 -14.54
CA ASP A 261 -23.23 -2.86 -14.08
C ASP A 261 -24.02 -1.69 -14.67
N PRO A 262 -25.22 -1.98 -15.15
CA PRO A 262 -26.05 -0.94 -15.75
C PRO A 262 -26.18 0.30 -14.86
N GLN A 263 -26.47 0.06 -13.59
CA GLN A 263 -26.57 1.07 -12.57
C GLN A 263 -25.28 1.89 -12.50
N LEU A 264 -24.16 1.17 -12.48
CA LEU A 264 -22.85 1.80 -12.49
C LEU A 264 -22.74 2.74 -13.68
N GLU A 265 -22.95 2.18 -14.86
CA GLU A 265 -22.82 2.90 -16.11
C GLU A 265 -23.50 4.26 -16.09
N ALA A 266 -24.73 4.30 -15.60
CA ALA A 266 -25.47 5.55 -15.53
C ALA A 266 -24.83 6.58 -14.59
N LEU A 267 -24.47 6.18 -13.38
CA LEU A 267 -23.82 7.10 -12.46
C LEU A 267 -22.55 7.70 -13.06
N VAL A 268 -21.72 6.83 -13.62
CA VAL A 268 -20.44 7.26 -14.19
C VAL A 268 -20.66 8.39 -15.19
N GLY A 269 -21.38 8.13 -16.28
CA GLY A 269 -21.77 9.17 -17.23
C GLY A 269 -20.72 9.48 -18.26
N ARG A 270 -20.73 10.68 -18.82
CA ARG A 270 -19.70 11.10 -19.76
C ARG A 270 -19.00 12.34 -19.20
N HIS A 271 -17.67 12.38 -19.19
CA HIS A 271 -16.95 13.51 -18.62
C HIS A 271 -15.63 13.72 -19.37
N SER A 272 -15.24 14.98 -19.58
CA SER A 272 -13.94 15.22 -20.20
C SER A 272 -12.83 15.28 -19.17
N ARG A 273 -11.62 14.92 -19.57
CA ARG A 273 -10.50 14.94 -18.65
C ARG A 273 -10.20 16.35 -18.12
N LYS A 274 -9.88 16.42 -16.83
CA LYS A 274 -9.41 17.62 -16.17
C LYS A 274 -7.89 17.58 -16.03
N PRO A 275 -7.18 18.51 -16.65
CA PRO A 275 -5.71 18.55 -16.57
C PRO A 275 -5.21 18.81 -15.15
N TRP A 276 -4.03 18.32 -14.79
CA TRP A 276 -3.61 18.36 -13.39
C TRP A 276 -3.27 19.76 -12.90
N LEU A 277 -2.96 20.72 -13.76
CA LEU A 277 -2.64 22.04 -13.20
C LEU A 277 -3.88 22.73 -12.67
N LYS A 278 -5.08 22.32 -13.07
CA LYS A 278 -6.28 22.96 -12.55
C LYS A 278 -6.46 22.68 -11.06
N PHE A 279 -5.72 21.71 -10.54
CA PHE A 279 -5.69 21.46 -9.11
C PHE A 279 -4.74 22.39 -8.37
N MET A 280 -3.80 23.02 -9.09
CA MET A 280 -2.83 23.91 -8.46
C MET A 280 -3.50 25.14 -7.85
N ASN A 281 -3.06 25.54 -6.66
CA ASN A 281 -3.62 26.75 -6.05
C ASN A 281 -2.67 27.33 -5.02
N ALA A 282 -3.12 28.38 -4.33
CA ALA A 282 -2.30 29.09 -3.36
C ALA A 282 -1.90 28.25 -2.15
N ASP A 283 -2.48 27.09 -1.85
CA ASP A 283 -1.92 26.43 -0.66
C ASP A 283 -0.98 25.30 -1.08
N ASN A 284 -0.74 25.18 -2.38
CA ASN A 284 0.00 23.99 -2.84
C ASN A 284 1.00 24.40 -3.92
N GLN A 285 0.98 25.70 -4.19
CA GLN A 285 1.79 26.26 -5.26
C GLN A 285 3.28 26.01 -5.04
N HIS A 286 3.71 25.88 -3.80
CA HIS A 286 5.11 25.60 -3.49
C HIS A 286 5.48 24.13 -3.66
N LEU A 287 4.55 23.22 -3.97
CA LEU A 287 4.85 21.81 -4.12
C LEU A 287 4.60 21.25 -5.51
N VAL A 288 3.83 21.98 -6.30
CA VAL A 288 3.53 21.53 -7.66
C VAL A 288 4.59 22.07 -8.64
N SER A 289 5.31 21.17 -9.26
CA SER A 289 6.35 21.33 -10.26
C SER A 289 6.07 20.49 -11.49
N PRO A 290 6.59 20.83 -12.66
CA PRO A 290 6.34 20.00 -13.84
C PRO A 290 6.81 18.56 -13.65
N GLU A 291 7.84 18.30 -12.85
CA GLU A 291 8.32 16.92 -12.70
C GLU A 291 7.41 16.14 -11.76
N ALA A 292 6.90 16.80 -10.72
CA ALA A 292 5.89 16.18 -9.86
C ALA A 292 4.68 15.75 -10.66
N ILE A 293 4.20 16.66 -11.52
CA ILE A 293 3.01 16.36 -12.30
C ILE A 293 3.29 15.26 -13.33
N ASP A 294 4.48 15.27 -13.93
CA ASP A 294 4.77 14.22 -14.91
C ASP A 294 4.79 12.85 -14.26
N PHE A 295 5.40 12.76 -13.08
CA PHE A 295 5.48 11.49 -12.36
C PHE A 295 4.09 11.03 -11.96
N LEU A 296 3.27 11.92 -11.42
CA LEU A 296 1.91 11.59 -11.02
C LEU A 296 1.11 10.98 -12.18
N ASP A 297 1.07 11.72 -13.29
CA ASP A 297 0.42 11.37 -14.53
C ASP A 297 0.76 9.95 -14.95
N LYS A 298 1.99 9.52 -14.69
CA LYS A 298 2.33 8.17 -15.18
C LYS A 298 1.96 7.06 -14.22
N LEU A 299 1.45 7.42 -13.04
CA LEU A 299 0.99 6.41 -12.09
C LEU A 299 -0.52 6.20 -12.22
N LEU A 300 -1.24 7.31 -12.35
CA LEU A 300 -2.70 7.24 -12.38
C LEU A 300 -3.20 6.99 -13.79
N ARG A 301 -3.20 5.74 -14.20
CA ARG A 301 -3.78 5.32 -15.47
C ARG A 301 -4.78 4.18 -15.25
N TYR A 302 -5.83 4.14 -16.08
CA TYR A 302 -6.82 3.09 -15.92
C TYR A 302 -6.19 1.72 -16.15
N ASP A 303 -5.46 1.63 -17.26
CA ASP A 303 -4.94 0.33 -17.64
C ASP A 303 -3.70 0.02 -16.80
N HIS A 304 -3.92 -0.94 -15.91
CA HIS A 304 -2.90 -1.40 -14.98
C HIS A 304 -1.62 -1.75 -15.74
N GLN A 305 -1.75 -2.25 -16.96
CA GLN A 305 -0.58 -2.67 -17.71
C GLN A 305 0.26 -1.48 -18.19
N GLU A 306 -0.29 -0.28 -18.06
CA GLU A 306 0.32 0.96 -18.55
C GLU A 306 1.03 1.77 -17.48
N ARG A 307 0.78 1.43 -16.20
CA ARG A 307 1.39 2.21 -15.11
C ARG A 307 2.89 2.01 -14.98
N LEU A 308 3.62 2.99 -14.46
CA LEU A 308 5.03 2.70 -14.12
C LEU A 308 5.17 1.50 -13.20
N THR A 309 6.19 0.66 -13.36
CA THR A 309 6.52 -0.30 -12.30
C THR A 309 7.21 0.45 -11.16
N ALA A 310 7.37 -0.17 -9.99
CA ALA A 310 8.13 0.45 -8.90
C ALA A 310 9.57 0.74 -9.30
N LEU A 311 10.13 -0.22 -10.04
CA LEU A 311 11.52 -0.10 -10.49
C LEU A 311 11.70 1.07 -11.45
N GLU A 312 10.86 1.18 -12.47
CA GLU A 312 10.87 2.35 -13.35
C GLU A 312 10.64 3.66 -12.60
N ALA A 313 9.77 3.70 -11.59
CA ALA A 313 9.43 4.97 -10.94
C ALA A 313 10.59 5.59 -10.18
N MET A 314 11.40 4.76 -9.52
CA MET A 314 12.60 5.18 -8.81
C MET A 314 13.62 5.84 -9.75
N THR A 315 13.45 5.66 -11.07
CA THR A 315 14.45 6.32 -11.95
C THR A 315 13.93 7.63 -12.54
N HIS A 316 12.72 8.04 -12.22
CA HIS A 316 12.14 9.26 -12.83
C HIS A 316 12.91 10.50 -12.40
N PRO A 317 13.14 11.48 -13.27
CA PRO A 317 13.96 12.63 -12.87
C PRO A 317 13.39 13.41 -11.70
N TYR A 318 12.13 13.21 -11.32
CA TYR A 318 11.60 13.88 -10.13
C TYR A 318 12.51 13.65 -8.92
N PHE A 319 13.06 12.46 -8.81
CA PHE A 319 13.89 11.98 -7.72
C PHE A 319 15.39 12.18 -7.95
N GLN A 320 15.78 13.00 -8.91
CA GLN A 320 17.20 13.05 -9.27
C GLN A 320 18.06 13.51 -8.11
N GLN A 321 17.63 14.51 -7.36
CA GLN A 321 18.39 15.01 -6.21
C GLN A 321 18.53 13.94 -5.13
N VAL A 322 17.45 13.26 -4.78
CA VAL A 322 17.46 12.20 -3.79
C VAL A 322 18.47 11.11 -4.14
N ARG A 323 18.53 10.72 -5.41
CA ARG A 323 19.46 9.71 -5.87
C ARG A 323 20.90 10.20 -5.76
N ALA A 324 21.17 11.42 -6.18
CA ALA A 324 22.51 12.02 -6.10
C ALA A 324 23.02 12.03 -4.66
N ALA A 325 22.22 12.51 -3.71
CA ALA A 325 22.63 12.50 -2.31
C ALA A 325 23.02 11.09 -1.87
N GLU A 326 22.41 10.07 -2.47
CA GLU A 326 22.65 8.68 -2.13
C GLU A 326 23.89 8.11 -2.83
CL CL B . 0.61 -3.75 11.04
C2 K25 C . 3.89 0.22 13.94
C3 K25 C . 3.45 1.46 14.46
C4 K25 C . 2.09 1.77 14.47
C5 K25 C . 2.98 -0.70 13.41
N6 K25 C . -0.19 0.87 13.86
C7 K25 C . 1.58 -0.41 13.45
C8 K25 C . 1.19 0.83 13.96
C13 K25 C . -0.57 -0.27 13.24
N14 K25 C . 0.49 -1.09 13.12
N15 K25 C . -1.93 -0.54 13.03
C16 K25 C . -2.91 0.44 13.39
C17 K25 C . -2.33 -1.77 12.40
BR1 K25 C . 5.75 -0.11 13.82
BR9 K25 C . 4.70 2.78 15.08
BR10 K25 C . 1.34 3.36 15.22
BR11 K25 C . 3.50 -2.47 12.93
S DMS D . 3.86 6.06 17.31
O DMS D . 2.40 5.97 17.09
C1 DMS D . 4.11 7.37 18.45
C2 DMS D . 4.25 4.70 18.37
#